data_4R8R
#
_entry.id   4R8R
#
_cell.length_a   52.082
_cell.length_b   61.092
_cell.length_c   182.350
_cell.angle_alpha   90.00
_cell.angle_beta   90.00
_cell.angle_gamma   90.00
#
_symmetry.space_group_name_H-M   'P 2 21 21'
#
loop_
_entity.id
_entity.type
_entity.pdbx_description
1 polymer 'nonstructural protein NS5'
2 water water
#
_entity_poly.entity_id   1
_entity_poly.type   'polypeptide(L)'
_entity_poly.pdbx_seq_one_letter_code
;GPLGSGTGSQGETLGEKWKKKLNQLSRKEFDLYKKSGITEVDRTEAKEGLKRGETTHHAVSRGSAKLQWFVERNMVIPEG
RVIDLGCGRGGWSYYCAGLKKVTEVRGYTKGGPGHEEPVPMSTYGWNIVKLMSGKDVFYLPPEKCDTLLCDIGESSPSPT
VEESRTIRVLKMVEPWLKNNQFCIKVLNPYMPTVIEHLERLQRKHGGMLVRNPLSRNSTHEMYWISNGTGNIVSSVNMVS
RLLLNRFTMTHRRPTIEKDVDLGAGTR
;
_entity_poly.pdbx_strand_id   A,B
#
# COMPACT_ATOMS: atom_id res chain seq x y z
N GLU A 12 16.06 18.20 21.07
CA GLU A 12 16.03 16.79 21.49
C GLU A 12 14.86 16.57 22.46
N THR A 13 13.94 15.64 22.12
CA THR A 13 12.77 15.29 22.92
C THR A 13 13.15 14.38 24.11
N LEU A 14 12.24 14.27 25.11
CA LEU A 14 12.44 13.42 26.29
C LEU A 14 12.57 11.94 25.87
N GLY A 15 11.79 11.55 24.85
CA GLY A 15 11.81 10.19 24.31
C GLY A 15 13.16 9.83 23.72
N GLU A 16 13.82 10.80 23.04
CA GLU A 16 15.15 10.62 22.48
C GLU A 16 16.22 10.43 23.57
N LYS A 17 16.05 11.12 24.73
CA LYS A 17 16.95 10.99 25.88
C LYS A 17 16.75 9.61 26.51
N TRP A 18 15.47 9.13 26.55
CA TRP A 18 15.14 7.79 27.01
C TRP A 18 15.86 6.75 26.09
N LYS A 19 15.74 6.91 24.75
CA LYS A 19 16.33 6.01 23.76
C LYS A 19 17.89 5.90 23.89
N LYS A 20 18.56 7.04 24.10
CA LYS A 20 20.02 7.09 24.32
C LYS A 20 20.35 6.30 25.58
N LYS A 21 19.62 6.52 26.66
CA LYS A 21 19.85 5.77 27.89
C LYS A 21 19.63 4.25 27.72
N LEU A 22 18.55 3.85 27.02
CA LEU A 22 18.24 2.43 26.80
C LEU A 22 19.39 1.78 26.04
N ASN A 23 19.89 2.48 24.99
CA ASN A 23 20.97 1.96 24.16
C ASN A 23 22.30 1.76 24.90
N GLN A 24 22.49 2.46 26.04
CA GLN A 24 23.67 2.42 26.89
C GLN A 24 23.69 1.21 27.81
N LEU A 25 22.51 0.65 28.12
CA LEU A 25 22.41 -0.49 29.05
C LEU A 25 23.10 -1.74 28.55
N SER A 26 23.67 -2.51 29.49
CA SER A 26 24.24 -3.81 29.18
C SER A 26 23.03 -4.73 28.98
N ARG A 27 23.22 -5.93 28.41
CA ARG A 27 22.14 -6.90 28.25
C ARG A 27 21.52 -7.24 29.63
N LYS A 28 22.37 -7.36 30.67
CA LYS A 28 21.93 -7.65 32.03
C LYS A 28 20.99 -6.55 32.53
N GLU A 29 21.44 -5.29 32.42
CA GLU A 29 20.64 -4.11 32.81
C GLU A 29 19.34 -3.99 31.97
N PHE A 30 19.45 -4.22 30.65
CA PHE A 30 18.30 -4.14 29.76
C PHE A 30 17.21 -5.18 30.15
N ASP A 31 17.61 -6.42 30.41
CA ASP A 31 16.68 -7.48 30.74
C ASP A 31 15.95 -7.21 32.07
N LEU A 32 16.62 -6.51 32.99
CA LEU A 32 15.99 -6.17 34.26
C LEU A 32 15.08 -4.96 34.03
N TYR A 33 15.59 -3.96 33.31
CA TYR A 33 14.81 -2.78 33.03
C TYR A 33 13.49 -3.04 32.28
N LYS A 34 13.54 -3.89 31.24
CA LYS A 34 12.41 -4.06 30.32
C LYS A 34 11.08 -4.45 30.98
N LYS A 35 11.11 -5.19 32.09
CA LYS A 35 9.84 -5.55 32.72
C LYS A 35 9.62 -4.84 34.05
N SER A 36 10.48 -3.90 34.42
CA SER A 36 10.30 -3.23 35.72
C SER A 36 9.00 -2.45 35.88
N GLY A 37 8.17 -2.89 36.84
CA GLY A 37 6.90 -2.25 37.16
C GLY A 37 5.82 -2.42 36.10
N ILE A 38 6.03 -3.28 35.09
CA ILE A 38 5.00 -3.46 34.04
C ILE A 38 3.94 -4.46 34.53
N THR A 39 2.97 -4.78 33.65
CA THR A 39 1.95 -5.78 33.88
C THR A 39 2.23 -6.85 32.87
N GLU A 40 2.05 -8.11 33.25
CA GLU A 40 2.26 -9.18 32.28
C GLU A 40 1.38 -10.36 32.62
N VAL A 41 0.88 -11.03 31.59
CA VAL A 41 0.05 -12.21 31.77
C VAL A 41 0.91 -13.43 31.92
N ASP A 42 0.45 -14.38 32.75
CA ASP A 42 1.17 -15.62 33.00
C ASP A 42 0.86 -16.55 31.84
N ARG A 43 1.88 -16.80 30.98
CA ARG A 43 1.77 -17.63 29.78
C ARG A 43 2.08 -19.12 29.97
N THR A 44 2.49 -19.53 31.21
CA THR A 44 2.89 -20.89 31.54
C THR A 44 1.91 -21.95 31.01
N GLU A 45 0.62 -21.81 31.35
CA GLU A 45 -0.38 -22.79 30.94
C GLU A 45 -0.55 -22.88 29.42
N ALA A 46 -0.64 -21.70 28.76
CA ALA A 46 -0.82 -21.64 27.34
C ALA A 46 0.36 -22.23 26.56
N LYS A 47 1.60 -21.90 26.96
CA LYS A 47 2.83 -22.41 26.33
C LYS A 47 2.84 -23.94 26.36
N GLU A 48 2.60 -24.53 27.55
CA GLU A 48 2.53 -25.99 27.68
C GLU A 48 1.43 -26.59 26.80
N GLY A 49 0.24 -25.99 26.82
CA GLY A 49 -0.92 -26.40 26.02
C GLY A 49 -0.64 -26.38 24.53
N LEU A 50 -0.13 -25.26 24.04
CA LEU A 50 0.25 -25.05 22.63
C LEU A 50 1.34 -26.03 22.21
N LYS A 51 2.35 -26.26 23.08
CA LYS A 51 3.44 -27.23 22.83
C LYS A 51 2.88 -28.63 22.56
N ARG A 52 1.78 -28.98 23.25
CA ARG A 52 1.06 -30.25 23.14
C ARG A 52 0.02 -30.29 22.00
N GLY A 53 -0.13 -29.18 21.27
CA GLY A 53 -1.03 -29.09 20.12
C GLY A 53 -2.49 -28.89 20.42
N GLU A 54 -2.82 -28.29 21.58
CA GLU A 54 -4.21 -27.99 21.96
C GLU A 54 -4.66 -26.76 21.16
N THR A 55 -5.93 -26.76 20.67
CA THR A 55 -6.46 -25.70 19.79
C THR A 55 -7.63 -24.90 20.36
N THR A 56 -8.05 -25.25 21.58
CA THR A 56 -9.13 -24.56 22.28
C THR A 56 -8.58 -23.84 23.50
N HIS A 57 -9.28 -22.79 23.95
CA HIS A 57 -8.99 -21.98 25.15
C HIS A 57 -7.76 -21.08 25.06
N HIS A 58 -6.56 -21.62 24.70
CA HIS A 58 -5.30 -20.85 24.69
C HIS A 58 -5.24 -19.75 23.66
N ALA A 59 -4.65 -18.61 24.09
CA ALA A 59 -4.30 -17.52 23.19
C ALA A 59 -2.97 -17.94 22.57
N VAL A 60 -2.77 -17.60 21.32
CA VAL A 60 -1.56 -18.00 20.61
C VAL A 60 -0.32 -17.19 20.98
N SER A 61 -0.51 -16.05 21.64
CA SER A 61 0.55 -15.14 22.05
C SER A 61 -0.01 -14.25 23.13
N ARG A 62 0.86 -13.40 23.66
CA ARG A 62 0.51 -12.35 24.61
C ARG A 62 -0.35 -11.26 23.95
N GLY A 63 -0.52 -11.30 22.64
CA GLY A 63 -1.27 -10.27 21.92
C GLY A 63 -2.75 -10.21 22.23
N SER A 64 -3.37 -11.37 22.48
CA SER A 64 -4.78 -11.44 22.83
C SER A 64 -5.04 -10.63 24.08
N ALA A 65 -4.26 -10.88 25.15
CA ALA A 65 -4.47 -10.12 26.39
C ALA A 65 -4.16 -8.63 26.17
N LYS A 66 -3.13 -8.28 25.35
CA LYS A 66 -2.74 -6.91 25.09
C LYS A 66 -3.93 -6.11 24.42
N LEU A 67 -4.59 -6.73 23.40
CA LEU A 67 -5.73 -6.07 22.72
C LEU A 67 -6.93 -6.04 23.64
N GLN A 68 -7.12 -7.13 24.42
CA GLN A 68 -8.20 -7.18 25.38
C GLN A 68 -8.20 -5.99 26.36
N TRP A 69 -6.99 -5.54 26.79
CA TRP A 69 -6.89 -4.43 27.72
C TRP A 69 -7.61 -3.20 27.18
N PHE A 70 -7.43 -2.89 25.89
CA PHE A 70 -8.07 -1.74 25.25
C PHE A 70 -9.57 -1.96 25.06
N VAL A 71 -9.96 -3.17 24.61
CA VAL A 71 -11.38 -3.51 24.32
C VAL A 71 -12.23 -3.41 25.58
N GLU A 72 -11.76 -4.00 26.70
CA GLU A 72 -12.49 -4.01 27.97
C GLU A 72 -12.62 -2.62 28.61
N ARG A 73 -11.84 -1.66 28.12
CA ARG A 73 -11.88 -0.26 28.52
C ARG A 73 -12.63 0.59 27.46
N ASN A 74 -13.21 -0.08 26.42
CA ASN A 74 -14.01 0.56 25.34
C ASN A 74 -13.23 1.59 24.52
N MET A 75 -11.87 1.45 24.47
CA MET A 75 -11.02 2.37 23.71
C MET A 75 -11.09 2.07 22.21
N VAL A 76 -11.35 0.81 21.93
CA VAL A 76 -11.66 0.25 20.62
C VAL A 76 -12.77 -0.77 20.84
N ILE A 77 -13.84 -0.68 20.03
CA ILE A 77 -14.95 -1.61 20.18
C ILE A 77 -15.18 -2.33 18.85
N PRO A 78 -14.49 -3.48 18.75
CA PRO A 78 -14.54 -4.27 17.52
C PRO A 78 -15.96 -4.58 17.07
N GLU A 79 -16.22 -4.32 15.79
CA GLU A 79 -17.53 -4.58 15.17
C GLU A 79 -17.44 -4.91 13.69
N GLY A 80 -18.48 -5.58 13.17
CA GLY A 80 -18.58 -5.97 11.77
C GLY A 80 -17.38 -6.69 11.20
N ARG A 81 -16.88 -6.20 10.06
CA ARG A 81 -15.74 -6.80 9.40
C ARG A 81 -14.47 -6.17 9.98
N VAL A 82 -13.73 -6.97 10.73
CA VAL A 82 -12.49 -6.57 11.40
C VAL A 82 -11.29 -6.92 10.47
N ILE A 83 -10.37 -5.95 10.23
CA ILE A 83 -9.16 -6.25 9.45
C ILE A 83 -8.00 -6.19 10.46
N ASP A 84 -7.16 -7.24 10.49
CA ASP A 84 -6.02 -7.29 11.39
C ASP A 84 -4.73 -7.30 10.52
N LEU A 85 -4.08 -6.11 10.42
CA LEU A 85 -2.87 -5.96 9.61
C LEU A 85 -1.65 -6.35 10.42
N GLY A 86 -0.83 -7.25 9.88
CA GLY A 86 0.33 -7.83 10.55
C GLY A 86 -0.10 -8.75 11.66
N CYS A 87 -1.01 -9.72 11.37
CA CYS A 87 -1.63 -10.56 12.39
C CYS A 87 -0.67 -11.52 13.08
N GLY A 88 0.45 -11.82 12.45
CA GLY A 88 1.40 -12.77 13.01
C GLY A 88 0.68 -14.08 13.27
N ARG A 89 0.81 -14.58 14.50
CA ARG A 89 0.23 -15.87 14.94
C ARG A 89 -1.30 -15.84 14.96
N GLY A 90 -1.85 -14.61 15.07
CA GLY A 90 -3.29 -14.34 15.03
C GLY A 90 -3.94 -13.95 16.34
N GLY A 91 -3.12 -13.58 17.35
CA GLY A 91 -3.62 -13.23 18.70
C GLY A 91 -4.73 -12.20 18.77
N TRP A 92 -4.63 -11.17 17.94
CA TRP A 92 -5.67 -10.15 17.96
C TRP A 92 -6.90 -10.67 17.24
N SER A 93 -6.66 -11.44 16.15
CA SER A 93 -7.73 -11.98 15.30
C SER A 93 -8.60 -12.96 16.04
N TYR A 94 -7.97 -13.88 16.77
CA TYR A 94 -8.70 -14.86 17.57
C TYR A 94 -9.45 -14.26 18.72
N TYR A 95 -8.92 -13.19 19.33
CA TYR A 95 -9.61 -12.53 20.41
C TYR A 95 -10.89 -11.81 19.89
N CYS A 96 -10.78 -11.04 18.76
CA CYS A 96 -11.94 -10.34 18.17
C CYS A 96 -13.04 -11.30 17.77
N ALA A 97 -12.65 -12.46 17.23
CA ALA A 97 -13.58 -13.50 16.76
C ALA A 97 -14.66 -13.86 17.76
N GLY A 98 -14.38 -13.75 19.05
CA GLY A 98 -15.31 -14.10 20.11
C GLY A 98 -16.14 -12.95 20.62
N LEU A 99 -15.98 -11.75 20.01
CA LEU A 99 -16.76 -10.59 20.44
C LEU A 99 -18.10 -10.52 19.69
N LYS A 100 -19.22 -10.33 20.42
CA LYS A 100 -20.59 -10.39 19.85
C LYS A 100 -20.85 -9.46 18.64
N LYS A 101 -20.35 -8.21 18.65
CA LYS A 101 -20.55 -7.26 17.55
C LYS A 101 -19.74 -7.59 16.28
N VAL A 102 -18.75 -8.49 16.39
CA VAL A 102 -17.88 -8.89 15.29
C VAL A 102 -18.54 -9.98 14.44
N THR A 103 -18.53 -9.77 13.10
CA THR A 103 -19.12 -10.71 12.15
C THR A 103 -18.06 -11.38 11.29
N GLU A 104 -16.93 -10.71 11.02
CA GLU A 104 -15.88 -11.29 10.18
C GLU A 104 -14.48 -10.79 10.63
N VAL A 105 -13.43 -11.61 10.51
CA VAL A 105 -12.06 -11.20 10.91
C VAL A 105 -11.08 -11.64 9.81
N ARG A 106 -10.44 -10.67 9.14
CA ARG A 106 -9.47 -10.95 8.07
CA ARG A 106 -9.48 -10.96 8.10
C ARG A 106 -8.10 -10.52 8.61
N GLY A 107 -7.16 -11.46 8.61
CA GLY A 107 -5.80 -11.22 9.08
C GLY A 107 -4.82 -11.40 7.95
N TYR A 108 -3.90 -10.43 7.79
CA TYR A 108 -2.85 -10.45 6.78
C TYR A 108 -1.51 -10.35 7.48
N THR A 109 -0.52 -11.19 7.11
CA THR A 109 0.79 -11.11 7.72
C THR A 109 1.84 -11.58 6.73
N LYS A 110 3.04 -11.02 6.79
CA LYS A 110 4.07 -11.41 5.84
C LYS A 110 4.57 -12.85 6.04
N GLY A 111 4.86 -13.23 7.28
CA GLY A 111 5.39 -14.55 7.61
C GLY A 111 6.78 -14.76 7.02
N GLY A 112 7.24 -16.01 7.07
CA GLY A 112 8.51 -16.40 6.51
C GLY A 112 9.68 -16.01 7.37
N PRO A 113 10.93 -16.04 6.85
CA PRO A 113 12.09 -15.75 7.73
C PRO A 113 12.05 -14.45 8.54
N GLY A 114 12.33 -14.57 9.84
CA GLY A 114 12.34 -13.45 10.76
C GLY A 114 10.97 -12.95 11.21
N HIS A 115 9.86 -13.54 10.66
CA HIS A 115 8.46 -13.18 10.95
C HIS A 115 7.64 -14.35 11.44
N GLU A 116 6.56 -14.07 12.17
CA GLU A 116 5.69 -15.11 12.71
C GLU A 116 4.70 -15.65 11.68
N GLU A 117 4.42 -16.97 11.75
CA GLU A 117 3.42 -17.58 10.88
C GLU A 117 2.08 -17.73 11.65
N PRO A 118 0.90 -17.53 10.97
CA PRO A 118 -0.41 -17.75 11.66
C PRO A 118 -0.49 -19.15 12.27
N VAL A 119 -1.15 -19.28 13.42
CA VAL A 119 -1.30 -20.55 14.12
C VAL A 119 -2.77 -20.94 14.01
N PRO A 120 -3.13 -22.08 13.40
CA PRO A 120 -4.56 -22.45 13.31
C PRO A 120 -5.14 -22.84 14.68
N MET A 121 -6.29 -22.27 15.05
CA MET A 121 -6.96 -22.54 16.32
C MET A 121 -8.46 -22.80 16.15
N SER A 122 -9.04 -23.42 17.16
CA SER A 122 -10.45 -23.75 17.21
C SER A 122 -11.06 -23.05 18.45
N THR A 123 -10.63 -21.82 18.72
CA THR A 123 -11.14 -21.02 19.84
C THR A 123 -12.51 -20.44 19.48
N TYR A 124 -13.28 -19.99 20.48
CA TYR A 124 -14.62 -19.46 20.19
C TYR A 124 -14.64 -18.41 19.01
N GLY A 125 -15.40 -18.76 17.97
CA GLY A 125 -15.57 -17.92 16.78
C GLY A 125 -14.54 -18.11 15.67
N TRP A 126 -13.73 -19.15 15.75
CA TRP A 126 -12.70 -19.45 14.71
C TRP A 126 -13.25 -19.43 13.27
N ASN A 127 -14.55 -19.79 13.08
CA ASN A 127 -15.21 -19.89 11.78
C ASN A 127 -15.35 -18.55 11.05
N ILE A 128 -15.31 -17.41 11.78
CA ILE A 128 -15.40 -16.11 11.12
C ILE A 128 -14.00 -15.54 10.78
N VAL A 129 -12.94 -16.31 11.10
CA VAL A 129 -11.53 -15.94 10.92
C VAL A 129 -10.88 -16.48 9.63
N LYS A 130 -10.15 -15.59 8.93
CA LYS A 130 -9.26 -15.96 7.81
C LYS A 130 -7.93 -15.24 7.98
N LEU A 131 -6.86 -16.02 8.20
CA LEU A 131 -5.50 -15.51 8.38
C LEU A 131 -4.71 -15.93 7.18
N MET A 132 -4.10 -14.95 6.50
CA MET A 132 -3.33 -15.23 5.30
C MET A 132 -1.89 -14.75 5.42
N SER A 133 -0.94 -15.70 5.24
CA SER A 133 0.49 -15.45 5.30
C SER A 133 0.99 -15.07 3.89
N GLY A 134 2.26 -14.67 3.79
CA GLY A 134 2.90 -14.26 2.54
C GLY A 134 2.24 -13.00 1.99
N LYS A 135 1.83 -12.10 2.91
CA LYS A 135 1.10 -10.88 2.60
C LYS A 135 1.79 -9.67 3.20
N ASP A 136 2.56 -8.93 2.38
CA ASP A 136 3.21 -7.72 2.85
C ASP A 136 2.14 -6.63 2.77
N VAL A 137 1.65 -6.19 3.94
CA VAL A 137 0.56 -5.20 4.06
C VAL A 137 0.87 -3.90 3.34
N PHE A 138 2.18 -3.56 3.19
CA PHE A 138 2.58 -2.34 2.51
C PHE A 138 2.27 -2.36 0.99
N TYR A 139 1.89 -3.55 0.44
CA TYR A 139 1.50 -3.68 -0.95
C TYR A 139 0.04 -4.08 -1.12
N LEU A 140 -0.73 -4.17 -0.03
CA LEU A 140 -2.15 -4.53 -0.11
C LEU A 140 -3.03 -3.30 -0.37
N PRO A 141 -3.98 -3.45 -1.32
CA PRO A 141 -4.94 -2.36 -1.57
C PRO A 141 -5.99 -2.34 -0.44
N PRO A 142 -6.48 -1.17 0.00
CA PRO A 142 -7.43 -1.17 1.13
C PRO A 142 -8.74 -1.91 0.83
N GLU A 143 -9.36 -2.48 1.90
CA GLU A 143 -10.63 -3.20 1.82
C GLU A 143 -11.64 -2.54 2.73
N LYS A 144 -12.94 -2.73 2.42
CA LYS A 144 -14.01 -2.25 3.28
C LYS A 144 -13.97 -3.03 4.59
N CYS A 145 -14.07 -2.31 5.73
CA CYS A 145 -14.10 -2.88 7.07
C CYS A 145 -14.76 -1.92 8.06
N ASP A 146 -15.21 -2.45 9.19
CA ASP A 146 -15.83 -1.67 10.25
C ASP A 146 -14.85 -1.46 11.43
N THR A 147 -13.76 -2.26 11.44
CA THR A 147 -12.76 -2.14 12.50
C THR A 147 -11.41 -2.38 11.82
N LEU A 148 -10.46 -1.47 12.04
CA LEU A 148 -9.13 -1.61 11.47
C LEU A 148 -8.12 -1.74 12.61
N LEU A 149 -7.41 -2.86 12.62
CA LEU A 149 -6.39 -3.13 13.66
C LEU A 149 -5.03 -3.24 13.01
N CYS A 150 -3.99 -2.73 13.70
CA CYS A 150 -2.64 -2.87 13.16
C CYS A 150 -1.65 -2.83 14.31
N ASP A 151 -0.82 -3.86 14.47
CA ASP A 151 0.20 -3.92 15.53
C ASP A 151 1.62 -3.91 14.94
N ILE A 152 1.77 -3.38 13.74
CA ILE A 152 3.09 -3.36 13.03
C ILE A 152 4.04 -2.28 13.52
N GLY A 153 5.32 -2.65 13.66
CA GLY A 153 6.35 -1.71 14.05
C GLY A 153 7.45 -2.49 14.71
N GLU A 154 8.57 -2.69 13.97
CA GLU A 154 9.70 -3.42 14.51
C GLU A 154 10.70 -2.44 15.08
N SER A 155 11.18 -2.75 16.31
CA SER A 155 12.07 -1.90 17.05
C SER A 155 13.45 -1.89 16.39
N SER A 156 14.15 -0.78 16.59
CA SER A 156 15.51 -0.57 16.11
C SER A 156 16.27 0.28 17.13
N PRO A 157 17.57 0.01 17.39
CA PRO A 157 18.30 0.94 18.28
C PRO A 157 18.36 2.35 17.73
N SER A 158 18.13 2.51 16.40
CA SER A 158 18.10 3.84 15.79
C SER A 158 16.67 4.40 15.89
N PRO A 159 16.47 5.56 16.55
CA PRO A 159 15.13 6.17 16.55
C PRO A 159 14.75 6.76 15.20
N THR A 160 15.74 7.07 14.32
CA THR A 160 15.42 7.61 12.97
C THR A 160 14.90 6.48 12.09
N VAL A 161 15.40 5.24 12.29
CA VAL A 161 14.90 4.08 11.54
C VAL A 161 13.47 3.82 12.04
N GLU A 162 13.25 3.96 13.35
CA GLU A 162 11.90 3.75 13.92
C GLU A 162 10.93 4.81 13.52
N GLU A 163 11.42 6.04 13.32
CA GLU A 163 10.58 7.13 12.88
C GLU A 163 10.04 6.83 11.48
N SER A 164 10.92 6.41 10.59
CA SER A 164 10.59 6.00 9.22
C SER A 164 9.58 4.85 9.21
N ARG A 165 9.77 3.81 10.06
CA ARG A 165 8.89 2.65 10.18
C ARG A 165 7.50 3.07 10.69
N THR A 166 7.45 4.03 11.63
CA THR A 166 6.21 4.50 12.22
C THR A 166 5.41 5.27 11.17
N ILE A 167 6.08 6.21 10.45
CA ILE A 167 5.45 7.01 9.39
C ILE A 167 4.90 6.08 8.28
N ARG A 168 5.70 5.04 7.87
CA ARG A 168 5.24 4.05 6.88
C ARG A 168 3.93 3.42 7.34
N VAL A 169 3.84 2.97 8.61
CA VAL A 169 2.60 2.41 9.16
C VAL A 169 1.45 3.46 9.10
N LEU A 170 1.72 4.70 9.55
CA LEU A 170 0.66 5.73 9.57
C LEU A 170 0.14 6.08 8.17
N LYS A 171 1.03 6.08 7.15
CA LYS A 171 0.64 6.34 5.77
C LYS A 171 -0.11 5.14 5.16
N MET A 172 0.27 3.89 5.55
CA MET A 172 -0.37 2.67 5.07
C MET A 172 -1.79 2.52 5.66
N VAL A 173 -1.98 2.78 6.96
CA VAL A 173 -3.30 2.56 7.60
C VAL A 173 -4.37 3.55 7.16
N GLU A 174 -3.95 4.78 6.84
CA GLU A 174 -4.92 5.88 6.55
C GLU A 174 -6.00 5.53 5.47
N PRO A 175 -5.68 4.96 4.27
CA PRO A 175 -6.75 4.63 3.31
C PRO A 175 -7.76 3.58 3.80
N TRP A 176 -7.41 2.84 4.87
CA TRP A 176 -8.26 1.81 5.45
C TRP A 176 -9.23 2.44 6.44
N LEU A 177 -9.02 3.74 6.83
CA LEU A 177 -9.83 4.46 7.82
C LEU A 177 -10.96 5.27 7.18
N LYS A 178 -12.19 4.78 7.39
CA LYS A 178 -13.43 5.37 6.87
C LYS A 178 -14.46 5.32 7.98
N ASN A 179 -14.37 6.24 8.94
CA ASN A 179 -15.29 6.34 10.09
C ASN A 179 -15.51 4.96 10.73
N ASN A 180 -14.40 4.24 10.95
CA ASN A 180 -14.40 2.90 11.54
C ASN A 180 -13.68 2.92 12.87
N GLN A 181 -13.88 1.84 13.63
CA GLN A 181 -13.20 1.63 14.91
C GLN A 181 -11.78 1.27 14.55
N PHE A 182 -10.83 1.69 15.38
CA PHE A 182 -9.44 1.33 15.07
C PHE A 182 -8.55 1.27 16.30
N CYS A 183 -7.45 0.52 16.18
CA CYS A 183 -6.41 0.36 17.21
C CYS A 183 -5.11 0.11 16.44
N ILE A 184 -4.22 1.15 16.40
CA ILE A 184 -3.03 1.14 15.55
C ILE A 184 -1.80 1.41 16.41
N LYS A 185 -0.86 0.44 16.39
CA LYS A 185 0.35 0.71 17.15
C LYS A 185 1.13 1.82 16.51
N VAL A 186 1.73 2.68 17.34
CA VAL A 186 2.60 3.76 16.93
C VAL A 186 3.93 3.42 17.65
N LEU A 187 4.83 2.71 16.93
CA LEU A 187 6.10 2.25 17.47
C LEU A 187 6.91 3.32 18.17
N ASN A 188 7.14 4.45 17.49
CA ASN A 188 7.92 5.57 17.97
C ASN A 188 7.03 6.83 17.88
N PRO A 189 6.31 7.19 18.98
CA PRO A 189 5.41 8.34 18.92
C PRO A 189 6.05 9.66 19.36
N TYR A 190 7.36 9.65 19.79
CA TYR A 190 8.01 10.85 20.30
C TYR A 190 8.79 11.70 19.28
N MET A 191 9.14 11.15 18.09
CA MET A 191 9.89 11.91 17.08
C MET A 191 9.02 13.03 16.49
N PRO A 192 9.54 14.28 16.45
CA PRO A 192 8.70 15.43 16.00
C PRO A 192 7.85 15.24 14.73
N THR A 193 8.39 14.58 13.69
CA THR A 193 7.69 14.34 12.41
C THR A 193 6.53 13.37 12.60
N VAL A 194 6.69 12.38 13.49
CA VAL A 194 5.61 11.45 13.83
C VAL A 194 4.45 12.22 14.49
N ILE A 195 4.78 13.09 15.47
CA ILE A 195 3.83 13.94 16.20
C ILE A 195 2.98 14.76 15.21
N GLU A 196 3.62 15.36 14.17
CA GLU A 196 2.95 16.15 13.11
C GLU A 196 1.90 15.27 12.42
N HIS A 197 2.32 14.05 11.97
CA HIS A 197 1.40 13.09 11.34
C HIS A 197 0.23 12.71 12.27
N LEU A 198 0.51 12.34 13.56
CA LEU A 198 -0.54 11.96 14.52
C LEU A 198 -1.54 13.08 14.74
N GLU A 199 -1.05 14.34 14.79
CA GLU A 199 -1.94 15.50 14.99
C GLU A 199 -2.85 15.69 13.77
N ARG A 200 -2.27 15.59 12.54
CA ARG A 200 -3.06 15.67 11.29
C ARG A 200 -4.10 14.53 11.25
N LEU A 201 -3.66 13.29 11.59
CA LEU A 201 -4.55 12.15 11.61
C LEU A 201 -5.68 12.24 12.65
N GLN A 202 -5.39 12.78 13.84
CA GLN A 202 -6.37 12.96 14.92
C GLN A 202 -7.40 14.05 14.56
N ARG A 203 -6.97 15.14 13.87
CA ARG A 203 -7.87 16.22 13.42
C ARG A 203 -8.91 15.64 12.44
N LYS A 204 -8.47 14.69 11.58
CA LYS A 204 -9.33 14.05 10.59
C LYS A 204 -10.17 12.89 11.13
N HIS A 205 -9.51 11.91 11.78
CA HIS A 205 -10.13 10.68 12.24
C HIS A 205 -10.43 10.61 13.74
N GLY A 206 -10.00 11.61 14.50
CA GLY A 206 -10.23 11.66 15.95
C GLY A 206 -9.37 10.65 16.68
N GLY A 207 -9.87 10.13 17.80
CA GLY A 207 -9.15 9.15 18.59
C GLY A 207 -8.09 9.78 19.47
N MET A 208 -7.33 8.92 20.19
CA MET A 208 -6.30 9.37 21.09
C MET A 208 -5.19 8.32 21.20
N LEU A 209 -3.98 8.75 21.64
CA LEU A 209 -2.85 7.86 21.88
C LEU A 209 -2.87 7.39 23.32
N VAL A 210 -2.72 6.06 23.52
CA VAL A 210 -2.81 5.40 24.81
C VAL A 210 -1.65 4.44 25.03
N ARG A 211 -1.04 4.51 26.21
CA ARG A 211 0.04 3.59 26.62
C ARG A 211 -0.59 2.37 27.29
N ASN A 212 -0.29 1.16 26.76
CA ASN A 212 -0.85 -0.06 27.34
C ASN A 212 0.10 -0.53 28.50
N PRO A 213 -0.45 -0.83 29.70
CA PRO A 213 0.41 -1.29 30.81
C PRO A 213 1.11 -2.62 30.57
N LEU A 214 0.66 -3.40 29.54
CA LEU A 214 1.28 -4.66 29.21
C LEU A 214 2.50 -4.42 28.31
N SER A 215 2.71 -3.18 27.79
CA SER A 215 3.91 -2.89 27.00
C SER A 215 5.13 -2.92 27.88
N ARG A 216 6.28 -3.37 27.33
CA ARG A 216 7.55 -3.41 28.05
C ARG A 216 8.16 -2.01 28.04
N ASN A 217 9.02 -1.73 29.04
CA ASN A 217 9.69 -0.44 29.13
C ASN A 217 10.73 -0.30 28.03
N SER A 218 11.11 -1.40 27.37
CA SER A 218 12.09 -1.36 26.26
C SER A 218 11.54 -0.74 24.93
N THR A 219 10.25 -0.42 24.93
CA THR A 219 9.60 0.21 23.79
C THR A 219 8.75 1.36 24.27
N HIS A 220 8.74 2.45 23.49
CA HIS A 220 7.95 3.65 23.79
C HIS A 220 6.62 3.60 23.04
N GLU A 221 6.29 2.43 22.43
CA GLU A 221 5.05 2.31 21.66
C GLU A 221 3.80 2.77 22.41
N MET A 222 2.88 3.38 21.67
CA MET A 222 1.58 3.78 22.17
C MET A 222 0.60 3.46 21.10
N TYR A 223 -0.66 3.26 21.48
CA TYR A 223 -1.65 2.88 20.50
C TYR A 223 -2.61 4.01 20.19
N TRP A 224 -2.84 4.23 18.89
CA TRP A 224 -3.83 5.25 18.45
C TRP A 224 -5.16 4.49 18.41
N ILE A 225 -6.05 4.81 19.36
CA ILE A 225 -7.36 4.17 19.46
C ILE A 225 -8.47 5.14 19.02
N SER A 226 -9.57 4.62 18.49
CA SER A 226 -10.61 5.48 17.93
C SER A 226 -11.55 6.11 18.93
N ASN A 227 -11.75 5.51 20.10
CA ASN A 227 -12.76 6.01 21.08
C ASN A 227 -12.14 6.73 22.26
N GLY A 228 -11.76 7.96 22.02
CA GLY A 228 -11.17 8.81 23.04
C GLY A 228 -10.69 10.12 22.46
N THR A 229 -10.38 11.10 23.33
CA THR A 229 -9.83 12.41 22.95
C THR A 229 -8.67 12.76 23.87
N GLY A 230 -7.88 13.77 23.52
CA GLY A 230 -6.79 14.21 24.37
C GLY A 230 -5.63 14.88 23.66
N ASN A 231 -4.64 15.30 24.43
CA ASN A 231 -3.50 15.99 23.89
C ASN A 231 -2.38 14.98 23.61
N ILE A 232 -2.12 14.71 22.31
CA ILE A 232 -1.09 13.71 21.94
C ILE A 232 0.26 14.03 22.59
N VAL A 233 0.74 15.28 22.45
CA VAL A 233 2.02 15.73 23.00
C VAL A 233 2.13 15.43 24.50
N SER A 234 1.09 15.77 25.31
CA SER A 234 1.15 15.51 26.76
C SER A 234 1.14 14.02 27.11
N SER A 235 0.37 13.21 26.36
CA SER A 235 0.37 11.76 26.61
C SER A 235 1.74 11.15 26.24
N VAL A 236 2.39 11.64 25.18
CA VAL A 236 3.72 11.15 24.75
C VAL A 236 4.79 11.52 25.78
N ASN A 237 4.76 12.80 26.24
CA ASN A 237 5.77 13.19 27.22
C ASN A 237 5.59 12.51 28.57
N MET A 238 4.32 12.18 28.96
CA MET A 238 3.99 11.43 30.17
C MET A 238 4.68 10.06 30.14
N VAL A 239 4.61 9.39 28.99
CA VAL A 239 5.23 8.08 28.83
C VAL A 239 6.77 8.23 28.92
N SER A 240 7.36 9.26 28.25
CA SER A 240 8.81 9.46 28.28
C SER A 240 9.29 9.67 29.70
N ARG A 241 8.53 10.49 30.51
CA ARG A 241 8.89 10.71 31.92
C ARG A 241 8.78 9.39 32.68
N LEU A 242 7.63 8.66 32.52
CA LEU A 242 7.44 7.34 33.15
C LEU A 242 8.63 6.39 32.91
N LEU A 243 9.04 6.25 31.65
CA LEU A 243 10.07 5.37 31.25
C LEU A 243 11.43 5.86 31.71
N LEU A 244 11.65 7.17 31.76
CA LEU A 244 12.92 7.66 32.30
C LEU A 244 13.01 7.41 33.81
N ASN A 245 11.89 7.58 34.53
CA ASN A 245 11.89 7.29 35.97
C ASN A 245 12.21 5.82 36.25
N ARG A 246 11.81 4.90 35.36
CA ARG A 246 12.01 3.45 35.60
C ARG A 246 13.48 3.01 35.51
N PHE A 247 14.39 3.85 34.99
CA PHE A 247 15.81 3.53 34.99
C PHE A 247 16.44 3.77 36.38
N THR A 248 15.85 4.68 37.16
CA THR A 248 16.39 5.20 38.43
C THR A 248 16.28 4.28 39.64
N MET A 249 15.39 3.28 39.61
CA MET A 249 15.30 2.41 40.78
C MET A 249 15.60 0.97 40.36
N THR A 250 15.90 0.10 41.36
CA THR A 250 16.17 -1.33 41.22
C THR A 250 14.92 -1.95 40.57
N HIS A 251 15.08 -3.06 39.84
CA HIS A 251 13.97 -3.78 39.19
C HIS A 251 12.78 -3.99 40.13
N ARG A 252 11.60 -3.50 39.71
CA ARG A 252 10.32 -3.70 40.39
C ARG A 252 9.69 -4.86 39.63
N ARG A 253 9.44 -5.99 40.31
CA ARG A 253 8.89 -7.13 39.61
C ARG A 253 7.53 -6.80 38.97
N PRO A 254 7.24 -7.32 37.77
CA PRO A 254 5.97 -6.99 37.13
C PRO A 254 4.76 -7.56 37.83
N THR A 255 3.62 -6.90 37.66
CA THR A 255 2.33 -7.36 38.17
C THR A 255 1.89 -8.49 37.25
N ILE A 256 1.76 -9.71 37.80
CA ILE A 256 1.40 -10.90 37.05
C ILE A 256 -0.12 -11.05 37.06
N GLU A 257 -0.74 -11.13 35.88
CA GLU A 257 -2.18 -11.28 35.74
C GLU A 257 -2.50 -12.58 35.04
N LYS A 258 -3.76 -13.02 35.09
CA LYS A 258 -4.25 -14.20 34.41
C LYS A 258 -4.32 -13.98 32.91
N ASP A 259 -3.94 -14.99 32.13
CA ASP A 259 -4.01 -14.90 30.69
C ASP A 259 -5.46 -15.17 30.31
N VAL A 260 -5.82 -14.87 29.06
CA VAL A 260 -7.19 -15.01 28.59
C VAL A 260 -7.55 -16.41 28.18
N ASP A 261 -8.80 -16.77 28.43
CA ASP A 261 -9.39 -18.02 27.99
C ASP A 261 -10.30 -17.68 26.82
N LEU A 262 -9.93 -18.13 25.63
CA LEU A 262 -10.68 -17.81 24.42
C LEU A 262 -11.74 -18.84 24.03
N GLY A 263 -11.95 -19.79 24.94
CA GLY A 263 -12.97 -20.82 24.80
C GLY A 263 -12.86 -21.72 23.58
N ALA A 264 -14.03 -22.15 23.07
CA ALA A 264 -14.13 -23.07 21.94
C ALA A 264 -15.49 -22.98 21.28
N GLY A 265 -15.58 -23.51 20.06
CA GLY A 265 -16.82 -23.57 19.29
C GLY A 265 -17.01 -22.46 18.29
N THR A 266 -17.96 -22.70 17.36
CA THR A 266 -18.39 -21.81 16.28
C THR A 266 -19.25 -20.70 16.82
N ARG A 267 -19.50 -19.69 15.97
CA ARG A 267 -20.37 -18.58 16.25
C ARG A 267 -21.46 -18.52 15.18
N GLU B 12 9.20 26.56 -7.57
CA GLU B 12 9.46 25.73 -8.75
C GLU B 12 9.98 24.36 -8.33
N THR B 13 9.26 23.31 -8.76
CA THR B 13 9.62 21.92 -8.43
C THR B 13 10.74 21.42 -9.30
N LEU B 14 11.38 20.32 -8.86
CA LEU B 14 12.45 19.73 -9.63
C LEU B 14 11.98 19.26 -11.03
N GLY B 15 10.75 18.72 -11.12
CA GLY B 15 10.19 18.30 -12.39
C GLY B 15 10.01 19.47 -13.36
N GLU B 16 9.70 20.69 -12.81
CA GLU B 16 9.52 21.89 -13.63
C GLU B 16 10.88 22.33 -14.20
N LYS B 17 11.98 22.13 -13.45
CA LYS B 17 13.32 22.46 -13.94
C LYS B 17 13.77 21.49 -15.02
N TRP B 18 13.38 20.22 -14.87
CA TRP B 18 13.63 19.22 -15.91
C TRP B 18 12.87 19.61 -17.19
N LYS B 19 11.59 20.01 -17.04
CA LYS B 19 10.73 20.44 -18.16
C LYS B 19 11.33 21.61 -18.93
N LYS B 20 11.89 22.61 -18.21
CA LYS B 20 12.56 23.74 -18.84
C LYS B 20 13.74 23.29 -19.67
N LYS B 21 14.59 22.38 -19.12
CA LYS B 21 15.75 21.83 -19.83
C LYS B 21 15.32 21.04 -21.07
N LEU B 22 14.28 20.18 -20.94
CA LEU B 22 13.78 19.37 -22.05
C LEU B 22 13.38 20.25 -23.25
N ASN B 23 12.69 21.35 -22.94
CA ASN B 23 12.14 22.34 -23.86
C ASN B 23 13.20 23.15 -24.62
N GLN B 24 14.45 23.15 -24.12
CA GLN B 24 15.56 23.84 -24.77
C GLN B 24 16.30 22.90 -25.72
N LEU B 25 16.06 21.58 -25.62
CA LEU B 25 16.76 20.63 -26.47
C LEU B 25 16.34 20.76 -27.93
N SER B 26 17.32 20.72 -28.85
CA SER B 26 17.08 20.70 -30.27
C SER B 26 16.48 19.32 -30.61
N ARG B 27 15.78 19.19 -31.74
CA ARG B 27 15.18 17.94 -32.21
C ARG B 27 16.18 16.78 -32.15
N LYS B 28 17.45 17.04 -32.55
CA LYS B 28 18.54 16.06 -32.54
C LYS B 28 18.91 15.60 -31.12
N GLU B 29 19.13 16.56 -30.19
CA GLU B 29 19.47 16.26 -28.78
C GLU B 29 18.33 15.51 -28.11
N PHE B 30 17.08 15.88 -28.42
CA PHE B 30 15.87 15.27 -27.88
C PHE B 30 15.76 13.79 -28.29
N ASP B 31 15.98 13.48 -29.59
CA ASP B 31 15.89 12.12 -30.13
C ASP B 31 16.87 11.17 -29.49
N LEU B 32 18.06 11.69 -29.13
CA LEU B 32 19.09 10.93 -28.43
C LEU B 32 18.69 10.84 -26.97
N TYR B 33 18.39 11.98 -26.32
CA TYR B 33 18.01 11.99 -24.90
C TYR B 33 16.88 11.02 -24.54
N LYS B 34 15.79 11.03 -25.32
CA LYS B 34 14.57 10.29 -25.00
C LYS B 34 14.76 8.79 -24.84
N LYS B 35 15.80 8.22 -25.49
CA LYS B 35 16.07 6.78 -25.41
C LYS B 35 17.21 6.38 -24.49
N SER B 36 17.96 7.37 -23.96
CA SER B 36 19.15 7.06 -23.17
C SER B 36 18.90 6.24 -21.89
N GLY B 37 19.38 5.01 -21.89
CA GLY B 37 19.28 4.10 -20.75
C GLY B 37 17.90 3.50 -20.54
N ILE B 38 16.95 3.73 -21.45
CA ILE B 38 15.61 3.18 -21.27
C ILE B 38 15.57 1.68 -21.70
N THR B 39 14.43 1.01 -21.43
CA THR B 39 14.18 -0.36 -21.90
C THR B 39 13.13 -0.19 -23.02
N GLU B 40 13.21 -1.04 -24.07
CA GLU B 40 12.24 -1.03 -25.15
C GLU B 40 12.12 -2.40 -25.75
N VAL B 41 10.92 -2.72 -26.24
CA VAL B 41 10.73 -4.02 -26.87
C VAL B 41 11.02 -3.93 -28.34
N ASP B 42 11.51 -5.03 -28.93
CA ASP B 42 11.76 -5.14 -30.36
C ASP B 42 10.42 -5.41 -31.04
N ARG B 43 9.91 -4.42 -31.77
CA ARG B 43 8.61 -4.43 -32.44
C ARG B 43 8.66 -4.82 -33.94
N THR B 44 9.87 -5.03 -34.52
CA THR B 44 10.03 -5.41 -35.93
C THR B 44 9.17 -6.62 -36.34
N GLU B 45 9.25 -7.75 -35.59
CA GLU B 45 8.50 -8.99 -35.84
C GLU B 45 6.98 -8.72 -35.83
N ALA B 46 6.48 -8.05 -34.78
CA ALA B 46 5.07 -7.73 -34.65
C ALA B 46 4.60 -6.80 -35.77
N LYS B 47 5.37 -5.72 -36.07
CA LYS B 47 5.03 -4.75 -37.12
C LYS B 47 4.89 -5.37 -38.52
N GLU B 48 5.79 -6.30 -38.89
CA GLU B 48 5.71 -6.97 -40.18
C GLU B 48 4.53 -7.96 -40.22
N GLY B 49 4.30 -8.63 -39.09
CA GLY B 49 3.19 -9.57 -38.92
C GLY B 49 1.84 -8.89 -39.04
N LEU B 50 1.71 -7.71 -38.39
CA LEU B 50 0.48 -6.89 -38.43
C LEU B 50 0.24 -6.35 -39.84
N LYS B 51 1.33 -6.00 -40.57
CA LYS B 51 1.29 -5.52 -41.96
C LYS B 51 0.71 -6.57 -42.91
N ARG B 52 0.95 -7.87 -42.62
CA ARG B 52 0.47 -9.01 -43.39
C ARG B 52 -0.97 -9.39 -43.02
N GLY B 53 -1.51 -8.76 -41.99
CA GLY B 53 -2.86 -9.00 -41.51
C GLY B 53 -3.01 -10.13 -40.50
N GLU B 54 -1.87 -10.58 -39.91
CA GLU B 54 -1.83 -11.64 -38.87
C GLU B 54 -2.53 -11.13 -37.62
N THR B 55 -3.40 -11.98 -37.04
CA THR B 55 -4.24 -11.67 -35.88
C THR B 55 -3.87 -12.46 -34.62
N THR B 56 -2.89 -13.36 -34.72
CA THR B 56 -2.45 -14.15 -33.58
C THR B 56 -1.05 -13.77 -33.17
N HIS B 57 -0.71 -14.02 -31.89
CA HIS B 57 0.59 -13.81 -31.25
C HIS B 57 1.00 -12.35 -31.07
N HIS B 58 0.82 -11.49 -32.08
CA HIS B 58 1.33 -10.12 -32.00
C HIS B 58 0.54 -9.20 -31.12
N ALA B 59 1.26 -8.29 -30.43
CA ALA B 59 0.63 -7.22 -29.66
C ALA B 59 0.39 -6.12 -30.68
N VAL B 60 -0.73 -5.44 -30.53
CA VAL B 60 -1.13 -4.35 -31.44
C VAL B 60 -0.29 -3.12 -31.28
N SER B 61 0.41 -2.98 -30.14
CA SER B 61 1.27 -1.83 -29.87
C SER B 61 2.29 -2.22 -28.81
N ARG B 62 3.12 -1.25 -28.42
CA ARG B 62 4.10 -1.37 -27.35
C ARG B 62 3.38 -1.41 -25.97
N GLY B 63 2.07 -1.13 -25.95
CA GLY B 63 1.29 -1.08 -24.71
C GLY B 63 1.20 -2.38 -23.93
N SER B 64 1.09 -3.50 -24.63
CA SER B 64 1.00 -4.81 -24.00
C SER B 64 2.25 -5.07 -23.16
N ALA B 65 3.45 -4.82 -23.72
CA ALA B 65 4.68 -5.00 -22.94
C ALA B 65 4.78 -3.98 -21.79
N LYS B 66 4.31 -2.74 -22.03
CA LYS B 66 4.32 -1.72 -20.99
C LYS B 66 3.51 -2.15 -19.78
N LEU B 67 2.27 -2.64 -20.00
CA LEU B 67 1.42 -3.10 -18.91
C LEU B 67 2.01 -4.37 -18.30
N GLN B 68 2.58 -5.29 -19.13
CA GLN B 68 3.19 -6.49 -18.56
C GLN B 68 4.23 -6.14 -17.51
N TRP B 69 4.98 -5.03 -17.65
CA TRP B 69 5.99 -4.69 -16.66
C TRP B 69 5.37 -4.54 -15.26
N PHE B 70 4.23 -3.88 -15.19
CA PHE B 70 3.54 -3.73 -13.92
C PHE B 70 2.98 -5.05 -13.40
N VAL B 71 2.25 -5.78 -14.26
CA VAL B 71 1.56 -7.01 -13.88
C VAL B 71 2.58 -8.04 -13.38
N GLU B 72 3.68 -8.24 -14.10
CA GLU B 72 4.63 -9.28 -13.67
C GLU B 72 5.30 -8.95 -12.32
N ARG B 73 5.14 -7.70 -11.83
CA ARG B 73 5.63 -7.27 -10.52
C ARG B 73 4.50 -7.15 -9.49
N ASN B 74 3.25 -7.60 -9.79
CA ASN B 74 2.08 -7.52 -8.89
C ASN B 74 1.70 -6.09 -8.50
N MET B 75 2.11 -5.11 -9.32
CA MET B 75 1.81 -3.68 -9.07
C MET B 75 0.30 -3.40 -9.25
N VAL B 76 -0.29 -4.07 -10.25
CA VAL B 76 -1.70 -4.16 -10.57
C VAL B 76 -1.87 -5.66 -10.91
N ILE B 77 -2.91 -6.28 -10.34
CA ILE B 77 -3.19 -7.70 -10.49
C ILE B 77 -4.57 -7.80 -11.21
N PRO B 78 -4.61 -7.77 -12.56
CA PRO B 78 -5.90 -7.80 -13.27
C PRO B 78 -6.76 -9.02 -12.95
N GLU B 79 -8.05 -8.78 -12.65
CA GLU B 79 -8.95 -9.84 -12.27
C GLU B 79 -10.40 -9.47 -12.59
N GLY B 80 -11.24 -10.49 -12.78
CA GLY B 80 -12.67 -10.32 -13.04
C GLY B 80 -12.98 -9.40 -14.22
N ARG B 81 -13.85 -8.40 -13.99
CA ARG B 81 -14.22 -7.44 -15.01
C ARG B 81 -13.21 -6.31 -15.03
N VAL B 82 -12.53 -6.17 -16.14
CA VAL B 82 -11.49 -5.17 -16.35
C VAL B 82 -12.03 -4.11 -17.28
N ILE B 83 -11.84 -2.85 -16.90
CA ILE B 83 -12.26 -1.72 -17.72
C ILE B 83 -11.00 -1.00 -18.14
N ASP B 84 -10.83 -0.82 -19.46
CA ASP B 84 -9.67 -0.20 -20.06
C ASP B 84 -10.08 1.15 -20.69
N LEU B 85 -9.86 2.28 -19.95
CA LEU B 85 -10.28 3.61 -20.44
C LEU B 85 -9.24 4.22 -21.37
N GLY B 86 -9.67 4.57 -22.59
CA GLY B 86 -8.78 5.09 -23.63
C GLY B 86 -7.97 3.97 -24.26
N CYS B 87 -8.65 2.83 -24.54
CA CYS B 87 -7.96 1.60 -24.99
C CYS B 87 -7.17 1.70 -26.31
N GLY B 88 -7.51 2.68 -27.15
CA GLY B 88 -6.85 2.86 -28.45
C GLY B 88 -6.95 1.60 -29.29
N ARG B 89 -5.78 1.15 -29.79
CA ARG B 89 -5.64 -0.08 -30.59
C ARG B 89 -6.05 -1.33 -29.79
N GLY B 90 -5.91 -1.25 -28.46
CA GLY B 90 -6.28 -2.33 -27.56
C GLY B 90 -5.15 -3.11 -26.90
N GLY B 91 -3.91 -2.61 -26.94
CA GLY B 91 -2.78 -3.34 -26.35
C GLY B 91 -2.93 -3.79 -24.90
N TRP B 92 -3.49 -2.91 -24.04
CA TRP B 92 -3.70 -3.29 -22.64
C TRP B 92 -4.81 -4.34 -22.47
N SER B 93 -5.88 -4.20 -23.24
CA SER B 93 -7.00 -5.11 -23.18
C SER B 93 -6.66 -6.52 -23.65
N TYR B 94 -5.93 -6.65 -24.78
CA TYR B 94 -5.53 -7.98 -25.30
C TYR B 94 -4.54 -8.67 -24.38
N TYR B 95 -3.74 -7.90 -23.62
CA TYR B 95 -2.81 -8.49 -22.66
C TYR B 95 -3.62 -9.04 -21.49
N CYS B 96 -4.54 -8.23 -20.93
CA CYS B 96 -5.39 -8.67 -19.85
C CYS B 96 -6.21 -9.89 -20.20
N ALA B 97 -6.67 -10.01 -21.47
CA ALA B 97 -7.54 -11.10 -21.92
C ALA B 97 -6.95 -12.48 -21.75
N GLY B 98 -5.62 -12.58 -21.68
CA GLY B 98 -4.97 -13.86 -21.54
C GLY B 98 -4.64 -14.26 -20.13
N LEU B 99 -4.93 -13.40 -19.15
CA LEU B 99 -4.60 -13.67 -17.75
C LEU B 99 -5.68 -14.52 -17.09
N LYS B 100 -5.26 -15.60 -16.37
CA LYS B 100 -6.20 -16.55 -15.74
C LYS B 100 -7.32 -15.89 -14.89
N LYS B 101 -6.98 -14.94 -14.01
CA LYS B 101 -7.95 -14.32 -13.10
C LYS B 101 -8.99 -13.39 -13.77
N VAL B 102 -8.75 -13.03 -15.04
CA VAL B 102 -9.60 -12.10 -15.81
C VAL B 102 -10.77 -12.83 -16.47
N THR B 103 -11.98 -12.25 -16.31
CA THR B 103 -13.19 -12.89 -16.85
C THR B 103 -13.83 -12.11 -17.99
N GLU B 104 -13.58 -10.81 -18.03
CA GLU B 104 -14.18 -9.96 -19.04
C GLU B 104 -13.33 -8.71 -19.15
N VAL B 105 -13.18 -8.21 -20.37
CA VAL B 105 -12.41 -6.99 -20.63
C VAL B 105 -13.26 -6.08 -21.50
N ARG B 106 -13.48 -4.86 -21.00
CA ARG B 106 -14.24 -3.84 -21.73
CA ARG B 106 -14.26 -3.86 -21.70
C ARG B 106 -13.36 -2.64 -21.96
N GLY B 107 -13.06 -2.36 -23.23
CA GLY B 107 -12.23 -1.21 -23.62
C GLY B 107 -13.06 -0.13 -24.29
N TYR B 108 -12.83 1.17 -23.90
CA TYR B 108 -13.53 2.34 -24.48
C TYR B 108 -12.52 3.30 -24.99
N THR B 109 -12.75 3.87 -26.18
CA THR B 109 -11.81 4.83 -26.78
C THR B 109 -12.54 5.82 -27.66
N LYS B 110 -11.97 7.04 -27.81
CA LYS B 110 -12.59 8.08 -28.64
C LYS B 110 -12.65 7.70 -30.14
N GLY B 111 -11.50 7.36 -30.72
CA GLY B 111 -11.33 7.11 -32.16
C GLY B 111 -11.50 8.41 -32.93
N GLY B 112 -11.75 8.30 -34.23
CA GLY B 112 -11.92 9.46 -35.09
C GLY B 112 -10.60 10.09 -35.52
N PRO B 113 -10.64 11.31 -36.13
CA PRO B 113 -9.39 11.97 -36.56
C PRO B 113 -8.40 12.22 -35.44
N GLY B 114 -7.14 11.85 -35.68
CA GLY B 114 -6.03 12.01 -34.76
C GLY B 114 -5.99 11.04 -33.60
N HIS B 115 -6.87 10.02 -33.62
CA HIS B 115 -6.93 9.02 -32.55
C HIS B 115 -6.86 7.60 -33.05
N GLU B 116 -6.31 6.74 -32.20
CA GLU B 116 -6.16 5.32 -32.52
C GLU B 116 -7.50 4.57 -32.51
N GLU B 117 -7.68 3.69 -33.50
CA GLU B 117 -8.88 2.86 -33.61
C GLU B 117 -8.58 1.45 -33.07
N PRO B 118 -9.54 0.79 -32.37
CA PRO B 118 -9.31 -0.62 -31.95
C PRO B 118 -8.98 -1.49 -33.15
N VAL B 119 -8.08 -2.44 -32.92
CA VAL B 119 -7.59 -3.38 -33.91
C VAL B 119 -8.12 -4.76 -33.54
N PRO B 120 -8.90 -5.40 -34.45
CA PRO B 120 -9.41 -6.75 -34.16
C PRO B 120 -8.29 -7.77 -34.14
N MET B 121 -8.25 -8.60 -33.09
CA MET B 121 -7.24 -9.64 -32.93
C MET B 121 -7.83 -10.94 -32.45
N SER B 122 -7.06 -12.04 -32.67
CA SER B 122 -7.42 -13.39 -32.28
C SER B 122 -6.39 -13.96 -31.33
N THR B 123 -5.76 -13.04 -30.53
CA THR B 123 -4.76 -13.45 -29.54
C THR B 123 -5.47 -14.19 -28.41
N TYR B 124 -4.70 -14.93 -27.60
CA TYR B 124 -5.33 -15.75 -26.57
C TYR B 124 -6.32 -14.98 -25.68
N GLY B 125 -7.56 -15.49 -25.62
CA GLY B 125 -8.58 -14.88 -24.79
C GLY B 125 -9.35 -13.74 -25.44
N TRP B 126 -9.11 -13.49 -26.75
CA TRP B 126 -9.76 -12.41 -27.52
C TRP B 126 -11.27 -12.39 -27.39
N ASN B 127 -11.89 -13.56 -27.16
CA ASN B 127 -13.34 -13.70 -27.08
C ASN B 127 -13.95 -13.05 -25.85
N ILE B 128 -13.12 -12.74 -24.80
CA ILE B 128 -13.65 -12.09 -23.59
C ILE B 128 -13.49 -10.57 -23.64
N VAL B 129 -12.98 -10.04 -24.79
CA VAL B 129 -12.72 -8.62 -25.04
C VAL B 129 -13.84 -7.97 -25.90
N LYS B 130 -14.17 -6.71 -25.62
CA LYS B 130 -15.07 -5.90 -26.42
C LYS B 130 -14.47 -4.52 -26.41
N LEU B 131 -13.96 -4.09 -27.56
CA LEU B 131 -13.38 -2.76 -27.75
C LEU B 131 -14.41 -1.88 -28.45
N MET B 132 -14.66 -0.68 -27.92
CA MET B 132 -15.70 0.20 -28.47
C MET B 132 -15.10 1.57 -28.77
N SER B 133 -15.17 2.00 -30.05
CA SER B 133 -14.71 3.31 -30.51
C SER B 133 -15.92 4.30 -30.47
N GLY B 134 -15.65 5.59 -30.67
CA GLY B 134 -16.66 6.64 -30.59
C GLY B 134 -17.17 6.81 -29.16
N LYS B 135 -16.30 6.46 -28.19
CA LYS B 135 -16.62 6.50 -26.77
C LYS B 135 -15.66 7.41 -26.01
N ASP B 136 -16.06 8.65 -25.78
CA ASP B 136 -15.26 9.60 -25.01
C ASP B 136 -15.45 9.29 -23.53
N VAL B 137 -14.40 8.72 -22.89
CA VAL B 137 -14.44 8.25 -21.49
C VAL B 137 -14.74 9.34 -20.48
N PHE B 138 -14.46 10.60 -20.82
CA PHE B 138 -14.71 11.73 -19.92
C PHE B 138 -16.21 11.94 -19.77
N TYR B 139 -17.00 11.44 -20.73
CA TYR B 139 -18.45 11.57 -20.68
C TYR B 139 -19.09 10.19 -20.50
N LEU B 140 -18.32 9.21 -20.01
CA LEU B 140 -18.88 7.87 -19.80
C LEU B 140 -19.31 7.65 -18.36
N PRO B 141 -20.48 7.00 -18.10
CA PRO B 141 -20.86 6.75 -16.69
C PRO B 141 -20.04 5.63 -16.08
N PRO B 142 -19.59 5.75 -14.81
CA PRO B 142 -18.83 4.64 -14.21
C PRO B 142 -19.68 3.38 -14.10
N GLU B 143 -19.06 2.24 -14.40
CA GLU B 143 -19.63 0.90 -14.37
C GLU B 143 -18.89 0.12 -13.29
N LYS B 144 -19.54 -0.86 -12.71
CA LYS B 144 -18.95 -1.75 -11.70
C LYS B 144 -17.83 -2.55 -12.38
N CYS B 145 -16.67 -2.61 -11.72
CA CYS B 145 -15.55 -3.38 -12.25
C CYS B 145 -14.59 -3.78 -11.16
N ASP B 146 -13.72 -4.74 -11.46
CA ASP B 146 -12.77 -5.28 -10.51
C ASP B 146 -11.37 -4.71 -10.72
N THR B 147 -11.08 -4.27 -11.95
CA THR B 147 -9.82 -3.68 -12.37
C THR B 147 -10.10 -2.48 -13.26
N LEU B 148 -9.49 -1.34 -12.96
CA LEU B 148 -9.66 -0.11 -13.73
C LEU B 148 -8.30 0.26 -14.28
N LEU B 149 -8.17 0.26 -15.62
CA LEU B 149 -6.92 0.66 -16.28
C LEU B 149 -7.11 1.96 -17.06
N CYS B 150 -6.12 2.83 -17.06
CA CYS B 150 -6.20 4.08 -17.81
C CYS B 150 -4.85 4.54 -18.18
N ASP B 151 -4.60 4.69 -19.48
CA ASP B 151 -3.29 5.16 -19.94
C ASP B 151 -3.39 6.54 -20.65
N ILE B 152 -4.41 7.31 -20.30
CA ILE B 152 -4.65 8.60 -20.95
C ILE B 152 -3.75 9.72 -20.45
N GLY B 153 -3.18 10.46 -21.39
CA GLY B 153 -2.38 11.65 -21.07
C GLY B 153 -1.53 12.09 -22.23
N GLU B 154 -1.92 13.21 -22.89
CA GLU B 154 -1.17 13.68 -24.05
C GLU B 154 -0.21 14.79 -23.65
N SER B 155 1.05 14.65 -24.03
CA SER B 155 2.09 15.58 -23.69
C SER B 155 1.91 16.94 -24.37
N SER B 156 2.48 17.97 -23.74
CA SER B 156 2.48 19.33 -24.24
C SER B 156 3.78 19.99 -23.79
N PRO B 157 4.37 20.92 -24.59
CA PRO B 157 5.56 21.66 -24.11
C PRO B 157 5.23 22.52 -22.87
N SER B 158 3.94 22.83 -22.65
CA SER B 158 3.52 23.61 -21.51
C SER B 158 3.12 22.72 -20.33
N PRO B 159 3.85 22.76 -19.19
CA PRO B 159 3.43 21.93 -18.05
C PRO B 159 2.10 22.38 -17.44
N THR B 160 1.59 23.60 -17.77
CA THR B 160 0.29 24.01 -17.23
C THR B 160 -0.85 23.36 -18.03
N VAL B 161 -0.66 23.18 -19.35
CA VAL B 161 -1.60 22.44 -20.20
C VAL B 161 -1.60 20.98 -19.68
N GLU B 162 -0.40 20.38 -19.46
CA GLU B 162 -0.32 19.01 -18.95
C GLU B 162 -0.99 18.89 -17.58
N GLU B 163 -0.79 19.87 -16.71
CA GLU B 163 -1.41 19.91 -15.38
C GLU B 163 -2.93 19.83 -15.53
N SER B 164 -3.50 20.64 -16.44
CA SER B 164 -4.96 20.61 -16.67
C SER B 164 -5.40 19.24 -17.19
N ARG B 165 -4.66 18.68 -18.18
CA ARG B 165 -4.99 17.37 -18.73
C ARG B 165 -4.91 16.27 -17.69
N THR B 166 -3.89 16.34 -16.82
CA THR B 166 -3.68 15.32 -15.81
C THR B 166 -4.80 15.35 -14.76
N ILE B 167 -5.12 16.56 -14.25
CA ILE B 167 -6.18 16.68 -13.24
C ILE B 167 -7.53 16.21 -13.82
N ARG B 168 -7.77 16.47 -15.11
CA ARG B 168 -9.03 16.08 -15.75
C ARG B 168 -9.13 14.53 -15.75
N VAL B 169 -8.00 13.83 -16.04
CA VAL B 169 -7.96 12.38 -15.97
C VAL B 169 -8.18 11.90 -14.53
N LEU B 170 -7.55 12.56 -13.53
CA LEU B 170 -7.67 12.12 -12.14
C LEU B 170 -9.12 12.22 -11.64
N LYS B 171 -9.79 13.32 -11.99
CA LYS B 171 -11.19 13.54 -11.63
C LYS B 171 -12.09 12.55 -12.35
N MET B 172 -11.76 12.20 -13.60
CA MET B 172 -12.55 11.27 -14.40
C MET B 172 -12.44 9.84 -13.85
N VAL B 173 -11.22 9.40 -13.45
CA VAL B 173 -11.11 7.99 -13.00
C VAL B 173 -11.64 7.77 -11.59
N GLU B 174 -11.57 8.79 -10.71
CA GLU B 174 -11.91 8.61 -9.30
C GLU B 174 -13.23 7.87 -9.09
N PRO B 175 -14.34 8.24 -9.77
CA PRO B 175 -15.62 7.53 -9.54
C PRO B 175 -15.66 6.06 -9.93
N TRP B 176 -14.63 5.56 -10.65
CA TRP B 176 -14.57 4.16 -11.05
C TRP B 176 -13.86 3.36 -9.95
N LEU B 177 -13.15 4.07 -9.07
CA LEU B 177 -12.39 3.43 -8.01
C LEU B 177 -13.29 3.15 -6.82
N LYS B 178 -13.47 1.86 -6.55
CA LYS B 178 -14.37 1.25 -5.55
C LYS B 178 -13.66 -0.01 -4.99
N ASN B 179 -12.60 0.17 -4.20
CA ASN B 179 -11.83 -0.94 -3.59
C ASN B 179 -11.38 -1.97 -4.63
N ASN B 180 -10.95 -1.48 -5.80
CA ASN B 180 -10.56 -2.37 -6.88
C ASN B 180 -9.10 -2.19 -7.32
N GLN B 181 -8.67 -3.10 -8.19
CA GLN B 181 -7.34 -3.03 -8.74
C GLN B 181 -7.31 -1.88 -9.71
N PHE B 182 -6.15 -1.17 -9.78
CA PHE B 182 -6.05 -0.07 -10.72
C PHE B 182 -4.64 0.23 -11.14
N CYS B 183 -4.51 0.83 -12.33
CA CYS B 183 -3.24 1.28 -12.93
C CYS B 183 -3.57 2.49 -13.80
N ILE B 184 -3.27 3.71 -13.30
CA ILE B 184 -3.69 4.96 -13.96
C ILE B 184 -2.46 5.82 -14.28
N LYS B 185 -2.31 6.17 -15.57
CA LYS B 185 -1.21 7.05 -15.96
C LYS B 185 -1.44 8.45 -15.36
N VAL B 186 -0.36 9.01 -14.80
CA VAL B 186 -0.34 10.40 -14.29
C VAL B 186 0.70 11.08 -15.22
N LEU B 187 0.17 11.74 -16.29
CA LEU B 187 0.97 12.39 -17.34
C LEU B 187 2.02 13.35 -16.75
N ASN B 188 1.56 14.28 -15.91
CA ASN B 188 2.48 15.20 -15.27
C ASN B 188 2.28 15.10 -13.75
N PRO B 189 3.20 14.35 -13.05
CA PRO B 189 2.98 14.16 -11.60
C PRO B 189 3.73 15.18 -10.77
N TYR B 190 4.52 16.07 -11.41
CA TYR B 190 5.38 16.96 -10.64
C TYR B 190 4.75 18.35 -10.39
N MET B 191 3.67 18.73 -11.08
CA MET B 191 3.09 20.06 -10.82
C MET B 191 2.48 20.11 -9.40
N PRO B 192 2.73 21.18 -8.59
CA PRO B 192 2.22 21.19 -7.22
C PRO B 192 0.72 20.90 -7.04
N THR B 193 -0.16 21.39 -7.94
CA THR B 193 -1.59 21.10 -7.79
C THR B 193 -1.88 19.61 -8.10
N VAL B 194 -1.07 18.96 -8.96
CA VAL B 194 -1.20 17.51 -9.24
C VAL B 194 -0.84 16.73 -7.97
N ILE B 195 0.27 17.10 -7.31
CA ILE B 195 0.73 16.48 -6.08
C ILE B 195 -0.33 16.58 -4.98
N GLU B 196 -0.99 17.75 -4.87
CA GLU B 196 -2.03 17.94 -3.86
C GLU B 196 -3.17 16.98 -4.16
N HIS B 197 -3.58 16.91 -5.44
CA HIS B 197 -4.68 16.02 -5.88
CA HIS B 197 -4.65 16.02 -5.91
C HIS B 197 -4.31 14.54 -5.64
N LEU B 198 -3.07 14.17 -5.96
CA LEU B 198 -2.61 12.80 -5.79
C LEU B 198 -2.57 12.39 -4.33
N GLU B 199 -2.13 13.31 -3.44
CA GLU B 199 -2.11 13.04 -2.00
C GLU B 199 -3.51 12.82 -1.45
N ARG B 200 -4.48 13.60 -1.93
CA ARG B 200 -5.90 13.49 -1.52
C ARG B 200 -6.43 12.11 -1.96
N LEU B 201 -6.16 11.75 -3.24
CA LEU B 201 -6.59 10.50 -3.86
C LEU B 201 -5.97 9.31 -3.17
N GLN B 202 -4.68 9.40 -2.76
CA GLN B 202 -3.98 8.34 -2.03
C GLN B 202 -4.55 8.14 -0.63
N ARG B 203 -4.87 9.25 0.10
CA ARG B 203 -5.41 9.11 1.45
C ARG B 203 -6.78 8.39 1.40
N LYS B 204 -7.52 8.52 0.28
CA LYS B 204 -8.83 7.92 0.05
C LYS B 204 -8.76 6.51 -0.57
N HIS B 205 -8.00 6.33 -1.66
CA HIS B 205 -8.00 5.06 -2.36
C HIS B 205 -6.77 4.21 -2.18
N GLY B 206 -5.75 4.77 -1.53
CA GLY B 206 -4.50 4.07 -1.31
C GLY B 206 -3.62 4.09 -2.54
N GLY B 207 -2.73 3.12 -2.62
CA GLY B 207 -1.84 3.00 -3.76
C GLY B 207 -0.62 3.88 -3.70
N MET B 208 0.18 3.79 -4.77
CA MET B 208 1.43 4.54 -4.90
CA MET B 208 1.44 4.52 -4.91
C MET B 208 1.73 4.83 -6.38
N LEU B 209 2.70 5.72 -6.62
CA LEU B 209 3.20 6.11 -7.93
C LEU B 209 4.47 5.30 -8.20
N VAL B 210 4.57 4.77 -9.41
CA VAL B 210 5.73 4.03 -9.88
C VAL B 210 6.16 4.55 -11.23
N ARG B 211 7.43 4.38 -11.56
CA ARG B 211 7.99 4.75 -12.83
C ARG B 211 8.26 3.45 -13.62
N ASN B 212 7.78 3.41 -14.85
CA ASN B 212 7.96 2.23 -15.73
C ASN B 212 9.23 2.46 -16.58
N PRO B 213 10.25 1.55 -16.56
CA PRO B 213 11.49 1.79 -17.33
C PRO B 213 11.32 1.77 -18.85
N LEU B 214 10.13 1.35 -19.32
CA LEU B 214 9.79 1.37 -20.73
C LEU B 214 9.34 2.80 -21.14
N SER B 215 9.08 3.69 -20.17
CA SER B 215 8.76 5.06 -20.49
C SER B 215 10.00 5.73 -21.07
N ARG B 216 9.80 6.62 -22.05
CA ARG B 216 10.87 7.41 -22.61
C ARG B 216 11.28 8.51 -21.63
N ASN B 217 12.52 8.98 -21.76
CA ASN B 217 13.00 10.05 -20.89
C ASN B 217 12.34 11.40 -21.19
N SER B 218 11.75 11.55 -22.40
CA SER B 218 11.02 12.76 -22.84
C SER B 218 9.69 13.00 -22.09
N THR B 219 9.28 12.07 -21.23
CA THR B 219 8.08 12.15 -20.40
C THR B 219 8.37 11.85 -18.95
N HIS B 220 7.72 12.61 -18.07
CA HIS B 220 7.85 12.39 -16.63
C HIS B 220 6.68 11.52 -16.10
N GLU B 221 5.94 10.87 -17.03
CA GLU B 221 4.78 10.10 -16.64
C GLU B 221 5.11 9.07 -15.57
N MET B 222 4.22 8.97 -14.57
CA MET B 222 4.34 7.93 -13.56
C MET B 222 2.94 7.30 -13.47
N TYR B 223 2.83 6.09 -12.90
CA TYR B 223 1.58 5.39 -12.83
C TYR B 223 1.13 5.22 -11.39
N TRP B 224 -0.15 5.57 -11.14
CA TRP B 224 -0.77 5.40 -9.84
C TRP B 224 -1.34 3.98 -9.87
N ILE B 225 -0.76 3.09 -9.04
CA ILE B 225 -1.13 1.68 -8.95
C ILE B 225 -1.76 1.40 -7.62
N SER B 226 -2.70 0.45 -7.55
CA SER B 226 -3.43 0.18 -6.29
C SER B 226 -2.63 -0.46 -5.20
N ASN B 227 -1.62 -1.26 -5.59
CA ASN B 227 -0.89 -2.09 -4.66
C ASN B 227 0.43 -1.48 -4.23
N GLY B 228 0.36 -0.73 -3.15
CA GLY B 228 1.51 -0.09 -2.60
C GLY B 228 1.16 1.09 -1.75
N THR B 229 2.16 1.56 -1.03
CA THR B 229 2.07 2.68 -0.12
C THR B 229 3.41 3.36 -0.34
N GLY B 230 3.51 4.58 0.11
CA GLY B 230 4.77 5.27 0.01
C GLY B 230 4.53 6.74 -0.10
N ASN B 231 5.61 7.47 -0.27
CA ASN B 231 5.52 8.90 -0.35
C ASN B 231 5.55 9.38 -1.79
N ILE B 232 4.43 10.01 -2.21
CA ILE B 232 4.23 10.60 -3.53
C ILE B 232 5.33 11.62 -3.82
N VAL B 233 5.51 12.63 -2.95
CA VAL B 233 6.54 13.65 -3.17
C VAL B 233 7.92 13.00 -3.41
N SER B 234 8.27 12.03 -2.56
CA SER B 234 9.54 11.35 -2.65
C SER B 234 9.73 10.59 -3.99
N SER B 235 8.70 9.81 -4.40
CA SER B 235 8.73 9.06 -5.66
C SER B 235 8.85 9.99 -6.87
N VAL B 236 8.14 11.12 -6.86
CA VAL B 236 8.22 12.09 -7.96
C VAL B 236 9.61 12.70 -8.05
N ASN B 237 10.16 13.15 -6.91
CA ASN B 237 11.49 13.76 -6.88
C ASN B 237 12.58 12.78 -7.31
N MET B 238 12.44 11.48 -6.96
CA MET B 238 13.34 10.41 -7.42
C MET B 238 13.39 10.41 -8.95
N VAL B 239 12.21 10.44 -9.64
CA VAL B 239 12.20 10.41 -11.13
C VAL B 239 12.78 11.72 -11.71
N SER B 240 12.46 12.87 -11.11
CA SER B 240 13.00 14.14 -11.55
C SER B 240 14.54 14.10 -11.53
N ARG B 241 15.12 13.58 -10.43
CA ARG B 241 16.57 13.48 -10.29
C ARG B 241 17.13 12.49 -11.32
N LEU B 242 16.38 11.38 -11.57
CA LEU B 242 16.81 10.39 -12.56
C LEU B 242 16.87 11.01 -13.96
N LEU B 243 15.75 11.64 -14.39
CA LEU B 243 15.68 12.23 -15.71
C LEU B 243 16.64 13.40 -15.90
N LEU B 244 16.93 14.14 -14.84
CA LEU B 244 17.91 15.22 -14.89
C LEU B 244 19.34 14.64 -15.07
N ASN B 245 19.67 13.54 -14.35
CA ASN B 245 20.99 12.98 -14.53
C ASN B 245 21.16 12.40 -15.96
N ARG B 246 20.06 11.92 -16.58
CA ARG B 246 20.15 11.34 -17.94
C ARG B 246 20.46 12.37 -19.04
N PHE B 247 20.30 13.67 -18.77
CA PHE B 247 20.68 14.68 -19.75
C PHE B 247 22.18 14.68 -20.00
N THR B 248 22.97 14.54 -18.91
CA THR B 248 24.45 14.66 -18.94
C THR B 248 25.24 13.36 -18.94
N MET B 249 24.62 12.23 -18.54
CA MET B 249 25.35 10.96 -18.55
C MET B 249 25.71 10.49 -19.96
N THR B 250 26.80 9.72 -20.08
CA THR B 250 27.17 9.16 -21.36
C THR B 250 25.96 8.41 -21.92
N HIS B 251 25.62 8.69 -23.19
CA HIS B 251 24.45 8.08 -23.84
C HIS B 251 24.50 6.57 -23.75
N ARG B 252 23.35 5.92 -23.42
CA ARG B 252 23.29 4.45 -23.37
C ARG B 252 22.15 4.05 -24.27
N ARG B 253 22.45 3.30 -25.32
CA ARG B 253 21.38 2.87 -26.24
C ARG B 253 20.39 2.03 -25.46
N PRO B 254 19.09 2.04 -25.84
CA PRO B 254 18.13 1.29 -25.03
C PRO B 254 18.46 -0.19 -24.88
N THR B 255 18.09 -0.75 -23.73
CA THR B 255 18.15 -2.17 -23.46
C THR B 255 16.96 -2.75 -24.25
N ILE B 256 17.24 -3.57 -25.29
CA ILE B 256 16.24 -4.21 -26.15
C ILE B 256 15.81 -5.57 -25.58
N GLU B 257 14.50 -5.74 -25.35
CA GLU B 257 13.92 -6.97 -24.82
C GLU B 257 12.94 -7.51 -25.86
N LYS B 258 12.70 -8.82 -25.85
CA LYS B 258 11.76 -9.44 -26.79
C LYS B 258 10.34 -8.95 -26.44
N ASP B 259 9.52 -8.74 -27.47
CA ASP B 259 8.14 -8.31 -27.30
C ASP B 259 7.28 -9.50 -26.86
N VAL B 260 6.12 -9.20 -26.27
CA VAL B 260 5.22 -10.23 -25.75
C VAL B 260 4.67 -11.10 -26.86
N ASP B 261 4.41 -12.35 -26.49
CA ASP B 261 3.72 -13.32 -27.35
C ASP B 261 2.39 -13.53 -26.67
N LEU B 262 1.30 -13.04 -27.25
CA LEU B 262 -0.04 -13.11 -26.63
C LEU B 262 -0.84 -14.36 -27.04
N GLY B 263 -0.16 -15.33 -27.67
CA GLY B 263 -0.78 -16.57 -28.09
C GLY B 263 -1.90 -16.45 -29.09
N ALA B 264 -2.75 -17.47 -29.12
CA ALA B 264 -3.86 -17.51 -30.08
C ALA B 264 -5.06 -18.27 -29.50
N GLY B 265 -6.24 -18.02 -30.06
CA GLY B 265 -7.45 -18.79 -29.75
C GLY B 265 -8.30 -18.37 -28.58
N THR B 266 -9.46 -19.03 -28.45
CA THR B 266 -10.40 -18.69 -27.38
C THR B 266 -10.00 -19.29 -26.03
N ARG B 267 -10.59 -18.74 -24.96
CA ARG B 267 -10.49 -19.33 -23.64
C ARG B 267 -11.92 -19.68 -23.16
#